data_3LT4
#
_entry.id   3LT4
#
_cell.length_a   131.180
_cell.length_b   131.180
_cell.length_c   82.780
_cell.angle_alpha   90.00
_cell.angle_beta   90.00
_cell.angle_gamma   90.00
#
_symmetry.space_group_name_H-M   'P 43 21 2'
#
loop_
_entity.id
_entity.type
_entity.pdbx_description
1 polymer 'Enoyl-ACP reductase'
2 non-polymer NICOTINAMIDE-ADENINE-DINUCLEOTIDE
3 non-polymer 2-(2-amino-4-chlorophenoxy)-5-chlorophenol
4 water water
#
_entity_poly.entity_id   1
_entity_poly.type   'polypeptide(L)'
_entity_poly.pdbx_seq_one_letter_code
;NEDICFIAGIGDTNGYGWGIAKELSKRNVKIIFGIWPPVYNIFMKNYKNGKFDNDMIIDKDKKMNILDMLPFDASFDTAN
DIDEETKNNKRYNMLQNYTIEDVANLIHQKYGKINMLVHSLANAKEVQKDLLNTSRKGYLDALSKSSYSLISLCKYFVNI
MKPQSSIISLTYHASQKVVPGYGGGMSSAKAALESDTRVLAYHLGRNYNIRINTISAGPLKSRAATAINKLNNTYENNTN
QNKNRNRHDVHNIMNNSGEKEEKKISASQNYTFIDYAIEYSEKYAPLRQKLLSTDIGSVASFLLSRESRAITGQTIYVDN
GLNIMFLPD
;
_entity_poly.pdbx_strand_id   A,B
#
loop_
_chem_comp.id
_chem_comp.type
_chem_comp.name
_chem_comp.formula
FB4 non-polymer 2-(2-amino-4-chlorophenoxy)-5-chlorophenol 'C12 H9 Cl2 N O2'
NAD non-polymer NICOTINAMIDE-ADENINE-DINUCLEOTIDE 'C21 H27 N7 O14 P2'
#
# COMPACT_ATOMS: atom_id res chain seq x y z
N GLU A 2 6.73 -23.16 -0.13
CA GLU A 2 8.16 -22.93 -0.52
C GLU A 2 8.39 -21.54 -1.16
N ASP A 3 8.10 -20.47 -0.42
CA ASP A 3 8.51 -19.10 -0.82
C ASP A 3 9.93 -18.82 -0.36
N ILE A 4 10.73 -18.28 -1.26
CA ILE A 4 12.09 -17.88 -0.93
C ILE A 4 12.33 -16.41 -1.27
N CYS A 5 12.95 -15.69 -0.33
CA CYS A 5 13.28 -14.28 -0.53
C CYS A 5 14.78 -14.04 -0.36
N PHE A 6 15.40 -13.38 -1.34
CA PHE A 6 16.75 -12.83 -1.18
C PHE A 6 16.67 -11.39 -0.71
N ILE A 7 17.36 -11.09 0.40
CA ILE A 7 17.41 -9.74 0.98
C ILE A 7 18.84 -9.21 0.85
N ALA A 8 19.05 -8.30 -0.09
CA ALA A 8 20.35 -7.71 -0.30
C ALA A 8 20.46 -6.44 0.58
N GLY A 9 21.34 -6.49 1.56
CA GLY A 9 21.63 -5.31 2.38
C GLY A 9 21.37 -5.48 3.86
N ILE A 10 21.80 -6.58 4.45
CA ILE A 10 21.72 -6.76 5.90
C ILE A 10 23.15 -6.72 6.46
N GLY A 11 23.38 -5.84 7.45
CA GLY A 11 24.70 -5.68 8.08
C GLY A 11 24.69 -5.93 9.58
N ASP A 12 23.49 -5.93 10.16
CA ASP A 12 23.27 -6.10 11.58
C ASP A 12 21.75 -6.15 11.75
N THR A 13 21.28 -6.03 12.99
CA THR A 13 19.86 -6.22 13.26
C THR A 13 19.15 -4.89 13.43
N ASN A 14 19.84 -3.79 13.14
CA ASN A 14 19.31 -2.46 13.40
C ASN A 14 18.74 -1.67 12.19
N GLY A 15 18.74 -2.26 11.01
CA GLY A 15 18.23 -1.56 9.84
C GLY A 15 16.92 -2.16 9.36
N TYR A 16 16.47 -1.69 8.19
CA TYR A 16 15.20 -2.14 7.64
C TYR A 16 15.27 -3.55 7.06
N GLY A 17 16.44 -3.97 6.57
CA GLY A 17 16.59 -5.35 6.06
C GLY A 17 16.20 -6.41 7.09
N TRP A 18 16.66 -6.21 8.32
CA TRP A 18 16.34 -7.13 9.41
C TRP A 18 14.85 -7.18 9.75
N GLY A 19 14.24 -5.99 9.89
CA GLY A 19 12.79 -5.90 10.09
C GLY A 19 11.99 -6.58 8.99
N ILE A 20 12.42 -6.44 7.74
CA ILE A 20 11.77 -7.10 6.61
C ILE A 20 11.97 -8.62 6.73
N ALA A 21 13.19 -9.03 7.08
CA ALA A 21 13.46 -10.45 7.31
C ALA A 21 12.53 -11.04 8.40
N LYS A 22 12.40 -10.33 9.54
CA LYS A 22 11.56 -10.79 10.66
C LYS A 22 10.13 -11.01 10.24
N GLU A 23 9.54 -9.99 9.61
CA GLU A 23 8.16 -10.08 9.12
C GLU A 23 7.91 -11.15 8.05
N LEU A 24 8.81 -11.30 7.09
CA LEU A 24 8.67 -12.40 6.13
C LEU A 24 8.73 -13.77 6.83
N SER A 25 9.54 -13.85 7.89
CA SER A 25 9.70 -15.07 8.65
C SER A 25 8.42 -15.48 9.36
N LYS A 26 7.65 -14.50 9.83
CA LYS A 26 6.30 -14.72 10.32
C LYS A 26 5.43 -15.50 9.34
N ARG A 27 5.59 -15.21 8.03
CA ARG A 27 4.77 -15.87 7.02
CA ARG A 27 4.83 -15.81 6.94
C ARG A 27 5.45 -17.13 6.48
N ASN A 28 6.49 -17.55 7.17
CA ASN A 28 7.20 -18.79 6.84
C ASN A 28 7.94 -18.74 5.50
N VAL A 29 8.40 -17.54 5.14
CA VAL A 29 9.14 -17.35 3.91
C VAL A 29 10.58 -17.72 4.26
N LYS A 30 11.26 -18.46 3.39
CA LYS A 30 12.68 -18.75 3.61
C LYS A 30 13.50 -17.56 3.18
N ILE A 31 14.43 -17.14 4.04
CA ILE A 31 15.17 -15.88 3.89
CA ILE A 31 15.17 -15.90 3.80
C ILE A 31 16.66 -16.13 3.61
N ILE A 32 17.19 -15.45 2.61
CA ILE A 32 18.61 -15.51 2.30
C ILE A 32 19.18 -14.09 2.40
N PHE A 33 20.22 -13.90 3.20
CA PHE A 33 20.82 -12.57 3.41
C PHE A 33 21.95 -12.33 2.43
N GLY A 34 21.97 -11.14 1.83
CA GLY A 34 23.09 -10.65 1.02
C GLY A 34 23.85 -9.63 1.86
N ILE A 35 25.09 -9.97 2.20
CA ILE A 35 25.83 -9.18 3.15
C ILE A 35 27.07 -8.55 2.49
N TRP A 36 27.19 -7.24 2.60
CA TRP A 36 28.31 -6.49 2.05
C TRP A 36 29.64 -7.07 2.61
N PRO A 37 30.58 -7.45 1.71
CA PRO A 37 31.79 -8.18 2.17
C PRO A 37 32.59 -7.51 3.29
N PRO A 38 32.80 -6.18 3.25
CA PRO A 38 33.57 -5.61 4.39
C PRO A 38 32.99 -5.89 5.75
N VAL A 39 31.69 -6.25 5.84
CA VAL A 39 31.08 -6.57 7.14
C VAL A 39 30.64 -8.03 7.25
N TYR A 40 30.94 -8.83 6.23
CA TYR A 40 30.44 -10.21 6.19
C TYR A 40 30.95 -11.04 7.38
N ASN A 41 32.26 -11.05 7.60
CA ASN A 41 32.84 -11.84 8.70
C ASN A 41 32.50 -11.37 10.12
N ILE A 42 32.38 -10.06 10.31
CA ILE A 42 31.87 -9.49 11.55
C ILE A 42 30.44 -10.00 11.79
N PHE A 43 29.63 -9.98 10.74
CA PHE A 43 28.24 -10.39 10.88
C PHE A 43 28.19 -11.88 11.27
N MET A 44 28.93 -12.70 10.53
CA MET A 44 28.93 -14.15 10.78
C MET A 44 29.42 -14.48 12.20
N LYS A 45 30.46 -13.78 12.64
CA LYS A 45 30.96 -13.93 14.00
C LYS A 45 29.93 -13.56 15.08
N ASN A 46 29.31 -12.37 14.97
CA ASN A 46 28.23 -11.97 15.91
C ASN A 46 27.10 -12.98 15.90
N TYR A 47 26.75 -13.45 14.70
CA TYR A 47 25.69 -14.42 14.58
C TYR A 47 26.04 -15.71 15.32
N LYS A 48 27.25 -16.23 15.04
CA LYS A 48 27.73 -17.47 15.68
C LYS A 48 27.78 -17.31 17.20
N ASN A 49 28.22 -16.14 17.66
CA ASN A 49 28.30 -15.83 19.06
C ASN A 49 26.95 -15.53 19.75
N GLY A 50 25.84 -15.64 19.01
CA GLY A 50 24.50 -15.49 19.59
C GLY A 50 24.06 -14.06 19.85
N LYS A 51 24.78 -13.09 19.29
CA LYS A 51 24.39 -11.69 19.47
C LYS A 51 23.01 -11.33 18.90
N PHE A 52 22.54 -12.10 17.92
CA PHE A 52 21.29 -11.79 17.21
C PHE A 52 20.10 -12.60 17.72
N ASP A 53 20.34 -13.47 18.70
CA ASP A 53 19.34 -14.44 19.15
C ASP A 53 18.03 -13.83 19.64
N ASN A 54 18.11 -12.84 20.52
CA ASN A 54 16.91 -12.14 20.96
C ASN A 54 16.23 -11.44 19.80
N ASP A 55 17.02 -10.86 18.90
CA ASP A 55 16.49 -10.18 17.73
C ASP A 55 15.83 -11.14 16.73
N MET A 56 16.06 -12.44 16.90
CA MET A 56 15.50 -13.44 15.99
C MET A 56 14.17 -14.01 16.44
N ILE A 57 13.80 -13.77 17.69
CA ILE A 57 12.53 -14.25 18.23
C ILE A 57 11.36 -13.55 17.55
N ILE A 58 10.43 -14.31 17.00
CA ILE A 58 9.21 -13.73 16.45
C ILE A 58 8.12 -13.67 17.54
N ASP A 59 7.82 -14.82 18.13
CA ASP A 59 6.94 -14.89 19.29
C ASP A 59 7.07 -16.27 19.95
N LYS A 60 6.25 -16.49 20.99
CA LYS A 60 6.13 -17.77 21.71
C LYS A 60 6.39 -18.97 20.79
N ASP A 61 5.72 -18.99 19.66
CA ASP A 61 5.89 -20.05 18.69
C ASP A 61 7.27 -20.08 18.04
N LYS A 62 7.53 -19.12 17.15
CA LYS A 62 8.68 -19.26 16.24
C LYS A 62 9.81 -18.25 16.38
N LYS A 63 10.91 -18.63 15.76
CA LYS A 63 12.13 -17.86 15.69
C LYS A 63 12.51 -17.77 14.19
N MET A 64 13.09 -16.63 13.77
CA MET A 64 13.53 -16.47 12.37
CA MET A 64 13.52 -16.48 12.37
C MET A 64 14.26 -17.71 11.84
N ASN A 65 13.92 -18.12 10.65
CA ASN A 65 14.48 -19.25 9.94
C ASN A 65 15.35 -18.61 8.87
N ILE A 66 16.67 -18.72 8.99
CA ILE A 66 17.52 -18.13 7.96
C ILE A 66 18.11 -19.25 7.10
N LEU A 67 17.74 -19.26 5.83
CA LEU A 67 18.20 -20.29 4.92
C LEU A 67 19.71 -20.22 4.65
N ASP A 68 20.22 -19.03 4.31
CA ASP A 68 21.63 -18.84 3.99
C ASP A 68 22.05 -17.38 4.17
N MET A 69 23.36 -17.17 4.22
CA MET A 69 23.92 -15.86 4.37
C MET A 69 25.14 -15.83 3.45
N LEU A 70 25.14 -14.90 2.50
CA LEU A 70 26.14 -14.88 1.43
C LEU A 70 26.73 -13.49 1.28
N PRO A 71 28.04 -13.41 0.99
CA PRO A 71 28.60 -12.09 0.72
C PRO A 71 28.06 -11.58 -0.61
N PHE A 72 27.77 -10.29 -0.67
CA PHE A 72 27.09 -9.68 -1.81
C PHE A 72 27.54 -8.23 -1.91
N ASP A 73 28.13 -7.87 -3.04
CA ASP A 73 28.54 -6.49 -3.28
C ASP A 73 27.87 -5.93 -4.54
N ALA A 74 27.02 -4.91 -4.34
CA ALA A 74 26.17 -4.30 -5.39
C ALA A 74 26.96 -3.34 -6.25
N SER A 75 28.25 -3.19 -5.95
CA SER A 75 29.18 -2.37 -6.73
C SER A 75 29.57 -3.05 -8.04
N PHE A 76 29.42 -4.37 -8.08
CA PHE A 76 29.97 -5.23 -9.18
C PHE A 76 28.91 -6.14 -9.75
N ASP A 77 28.74 -6.04 -11.07
CA ASP A 77 27.77 -6.85 -11.79
C ASP A 77 28.24 -8.28 -12.01
N THR A 78 29.50 -8.45 -12.37
CA THR A 78 30.10 -9.75 -12.71
C THR A 78 31.52 -9.80 -12.17
N ALA A 79 32.09 -11.01 -12.15
CA ALA A 79 33.46 -11.23 -11.67
C ALA A 79 34.46 -10.30 -12.36
N ASN A 80 34.29 -10.09 -13.65
CA ASN A 80 35.14 -9.19 -14.42
C ASN A 80 35.21 -7.75 -13.93
N ASP A 81 34.18 -7.29 -13.21
CA ASP A 81 34.09 -5.90 -12.82
C ASP A 81 34.90 -5.54 -11.57
N ILE A 82 35.39 -6.53 -10.83
CA ILE A 82 36.14 -6.22 -9.61
C ILE A 82 37.55 -5.66 -9.90
N ASP A 83 37.85 -4.50 -9.34
CA ASP A 83 39.19 -3.88 -9.45
C ASP A 83 40.17 -4.64 -8.58
N GLU A 84 41.46 -4.46 -8.86
CA GLU A 84 42.54 -5.19 -8.16
C GLU A 84 42.66 -4.80 -6.67
N GLU A 85 42.52 -3.50 -6.38
CA GLU A 85 42.51 -3.00 -4.99
C GLU A 85 41.48 -3.72 -4.12
N THR A 86 40.29 -3.97 -4.67
CA THR A 86 39.26 -4.76 -3.98
C THR A 86 39.64 -6.23 -3.86
N LYS A 87 40.06 -6.82 -4.98
CA LYS A 87 40.63 -8.17 -4.98
C LYS A 87 41.70 -8.34 -3.90
N ASN A 88 42.58 -7.34 -3.78
CA ASN A 88 43.68 -7.37 -2.82
C ASN A 88 43.31 -6.84 -1.42
N ASN A 89 42.03 -6.59 -1.20
CA ASN A 89 41.53 -6.17 0.11
C ASN A 89 41.49 -7.37 1.04
N LYS A 90 41.85 -7.13 2.30
CA LYS A 90 41.89 -8.18 3.32
C LYS A 90 40.51 -8.79 3.58
N ARG A 91 39.46 -7.98 3.44
CA ARG A 91 38.10 -8.45 3.71
C ARG A 91 37.51 -9.22 2.53
N TYR A 92 37.95 -8.91 1.32
CA TYR A 92 37.43 -9.57 0.13
C TYR A 92 38.23 -10.82 -0.27
N ASN A 93 39.53 -10.82 0.02
CA ASN A 93 40.45 -11.85 -0.47
C ASN A 93 40.06 -13.28 -0.06
N MET A 94 39.53 -13.44 1.15
CA MET A 94 39.00 -14.73 1.62
C MET A 94 37.53 -15.02 1.24
N LEU A 95 36.92 -14.21 0.38
CA LEU A 95 35.54 -14.46 -0.03
C LEU A 95 35.47 -14.64 -1.54
N GLN A 96 34.39 -15.24 -2.02
CA GLN A 96 34.23 -15.41 -3.46
C GLN A 96 32.75 -15.39 -3.87
N ASN A 97 32.51 -15.26 -5.18
CA ASN A 97 31.18 -15.31 -5.78
C ASN A 97 30.19 -14.33 -5.13
N TYR A 98 30.66 -13.10 -4.96
CA TYR A 98 29.88 -12.08 -4.30
C TYR A 98 29.42 -10.95 -5.23
N THR A 99 29.71 -11.05 -6.54
CA THR A 99 29.16 -10.07 -7.49
C THR A 99 27.66 -10.38 -7.70
N ILE A 100 26.93 -9.44 -8.28
CA ILE A 100 25.49 -9.59 -8.40
C ILE A 100 25.13 -10.85 -9.20
N GLU A 101 25.79 -11.05 -10.34
CA GLU A 101 25.55 -12.24 -11.16
C GLU A 101 25.93 -13.53 -10.43
N ASP A 102 27.08 -13.51 -9.77
CA ASP A 102 27.58 -14.68 -9.06
C ASP A 102 26.63 -15.11 -7.96
N VAL A 103 26.03 -14.15 -7.25
CA VAL A 103 25.09 -14.48 -6.18
C VAL A 103 23.79 -15.06 -6.72
N ALA A 104 23.27 -14.50 -7.82
CA ALA A 104 22.11 -15.09 -8.52
C ALA A 104 22.39 -16.55 -8.89
N ASN A 105 23.54 -16.81 -9.50
CA ASN A 105 23.92 -18.16 -9.92
C ASN A 105 24.07 -19.14 -8.74
N LEU A 106 24.70 -18.67 -7.67
CA LEU A 106 24.89 -19.43 -6.44
C LEU A 106 23.57 -19.75 -5.76
N ILE A 107 22.68 -18.76 -5.63
CA ILE A 107 21.38 -19.03 -4.99
C ILE A 107 20.61 -20.04 -5.85
N HIS A 108 20.65 -19.85 -7.16
CA HIS A 108 19.84 -20.69 -8.03
C HIS A 108 20.38 -22.12 -7.99
N GLN A 109 21.71 -22.25 -7.96
CA GLN A 109 22.31 -23.57 -7.91
C GLN A 109 22.02 -24.28 -6.59
N LYS A 110 22.08 -23.56 -5.48
CA LYS A 110 21.81 -24.18 -4.19
C LYS A 110 20.33 -24.50 -3.94
N TYR A 111 19.43 -23.62 -4.34
CA TYR A 111 18.04 -23.68 -3.86
C TYR A 111 16.99 -23.62 -4.96
N GLY A 112 17.43 -23.45 -6.20
CA GLY A 112 16.47 -23.32 -7.30
C GLY A 112 15.86 -21.91 -7.41
N LYS A 113 14.74 -21.81 -8.11
CA LYS A 113 14.09 -20.51 -8.34
C LYS A 113 13.53 -19.89 -7.08
N ILE A 114 13.56 -18.57 -7.01
CA ILE A 114 13.01 -17.84 -5.86
C ILE A 114 11.86 -16.99 -6.35
N ASN A 115 11.10 -16.42 -5.42
CA ASN A 115 9.98 -15.60 -5.84
C ASN A 115 9.86 -14.24 -5.15
N MET A 116 10.84 -13.85 -4.35
CA MET A 116 10.80 -12.56 -3.65
C MET A 116 12.19 -11.95 -3.59
N LEU A 117 12.28 -10.64 -3.85
CA LEU A 117 13.55 -9.95 -3.98
C LEU A 117 13.44 -8.60 -3.26
N VAL A 118 14.38 -8.35 -2.36
CA VAL A 118 14.41 -7.13 -1.58
C VAL A 118 15.77 -6.45 -1.76
N HIS A 119 15.69 -5.20 -2.20
CA HIS A 119 16.86 -4.33 -2.30
C HIS A 119 16.76 -3.37 -1.10
N SER A 120 17.70 -3.52 -0.18
CA SER A 120 17.66 -2.79 1.07
C SER A 120 19.03 -2.20 1.36
N LEU A 121 19.59 -1.52 0.38
CA LEU A 121 20.96 -1.07 0.46
C LEU A 121 21.11 0.26 -0.25
N ALA A 122 22.14 0.99 0.19
CA ALA A 122 22.51 2.25 -0.39
C ALA A 122 23.92 2.54 0.03
N ASN A 123 24.58 3.34 -0.79
CA ASN A 123 25.88 3.88 -0.43
C ASN A 123 26.14 5.13 -1.25
N ALA A 124 26.95 6.01 -0.69
CA ALA A 124 27.34 7.26 -1.32
C ALA A 124 28.57 7.71 -0.58
N LYS A 125 29.72 7.71 -1.25
CA LYS A 125 30.98 8.02 -0.59
C LYS A 125 31.08 9.48 -0.14
N GLU A 126 30.23 10.36 -0.67
CA GLU A 126 30.25 11.78 -0.28
C GLU A 126 28.95 12.22 0.37
N VAL A 127 28.26 11.30 1.04
CA VAL A 127 26.96 11.60 1.66
C VAL A 127 27.00 12.80 2.61
N GLN A 128 28.17 13.06 3.21
CA GLN A 128 28.30 14.16 4.16
C GLN A 128 28.48 15.55 3.50
N LYS A 129 28.57 15.59 2.17
CA LYS A 129 28.69 16.87 1.50
C LYS A 129 27.36 17.30 0.93
N ASP A 130 27.13 18.61 0.90
CA ASP A 130 25.93 19.03 0.20
CA ASP A 130 25.99 19.17 0.17
C ASP A 130 26.07 18.80 -1.31
N LEU A 131 24.93 18.68 -1.96
CA LEU A 131 24.89 18.39 -3.38
C LEU A 131 25.85 19.25 -4.19
N LEU A 132 25.89 20.54 -3.87
CA LEU A 132 26.66 21.51 -4.65
C LEU A 132 28.15 21.27 -4.50
N ASN A 133 28.55 20.72 -3.36
CA ASN A 133 29.94 20.35 -3.11
C ASN A 133 30.27 18.87 -3.37
N THR A 134 29.36 18.15 -4.03
CA THR A 134 29.63 16.74 -4.38
C THR A 134 30.39 16.64 -5.72
N SER A 135 31.40 15.79 -5.78
CA SER A 135 32.19 15.65 -7.01
C SER A 135 31.49 14.68 -7.95
N ARG A 136 31.94 14.65 -9.20
CA ARG A 136 31.39 13.75 -10.19
C ARG A 136 31.51 12.29 -9.74
N LYS A 137 32.71 11.91 -9.26
CA LYS A 137 32.91 10.54 -8.81
C LYS A 137 31.99 10.21 -7.67
N GLY A 138 31.84 11.14 -6.73
CA GLY A 138 31.00 10.91 -5.56
C GLY A 138 29.52 10.79 -5.92
N TYR A 139 29.04 11.66 -6.78
CA TYR A 139 27.65 11.63 -7.22
C TYR A 139 27.34 10.33 -7.98
N LEU A 140 28.24 9.94 -8.90
CA LEU A 140 28.07 8.69 -9.67
C LEU A 140 28.20 7.42 -8.81
N ASP A 141 29.02 7.51 -7.77
CA ASP A 141 29.06 6.44 -6.76
C ASP A 141 27.70 6.24 -6.08
N ALA A 142 27.07 7.34 -5.67
CA ALA A 142 25.73 7.28 -5.05
C ALA A 142 24.73 6.60 -5.99
N LEU A 143 24.70 7.05 -7.24
CA LEU A 143 23.80 6.47 -8.22
C LEU A 143 24.14 5.02 -8.55
N SER A 144 25.45 4.70 -8.58
CA SER A 144 25.91 3.34 -8.90
C SER A 144 25.47 2.36 -7.82
N LYS A 145 25.71 2.74 -6.57
CA LYS A 145 25.49 1.83 -5.45
C LYS A 145 24.03 1.78 -5.01
N SER A 146 23.34 2.92 -5.15
CA SER A 146 21.98 3.05 -4.61
C SER A 146 20.84 2.91 -5.62
N SER A 147 21.14 3.14 -6.89
CA SER A 147 20.12 3.13 -7.96
C SER A 147 20.39 2.07 -9.02
N TYR A 148 21.54 2.15 -9.68
CA TYR A 148 21.83 1.20 -10.72
C TYR A 148 21.83 -0.23 -10.18
N SER A 149 22.26 -0.39 -8.92
CA SER A 149 22.27 -1.71 -8.24
C SER A 149 20.91 -2.40 -8.28
N LEU A 150 19.83 -1.62 -8.28
CA LEU A 150 18.48 -2.20 -8.34
C LEU A 150 18.24 -2.79 -9.74
N ILE A 151 18.54 -1.98 -10.75
CA ILE A 151 18.39 -2.42 -12.13
C ILE A 151 19.19 -3.68 -12.38
N SER A 152 20.45 -3.69 -11.94
CA SER A 152 21.30 -4.87 -12.17
C SER A 152 20.80 -6.10 -11.38
N LEU A 153 20.38 -5.88 -10.12
CA LEU A 153 19.75 -6.92 -9.32
C LEU A 153 18.61 -7.55 -10.11
N CYS A 154 17.76 -6.69 -10.69
CA CYS A 154 16.64 -7.17 -11.49
C CYS A 154 17.10 -7.95 -12.70
N LYS A 155 18.06 -7.39 -13.42
CA LYS A 155 18.60 -7.98 -14.65
C LYS A 155 19.06 -9.44 -14.43
N TYR A 156 19.84 -9.65 -13.37
CA TYR A 156 20.39 -10.97 -13.08
C TYR A 156 19.45 -11.91 -12.33
N PHE A 157 18.55 -11.36 -11.53
CA PHE A 157 17.67 -12.21 -10.71
C PHE A 157 16.41 -12.66 -11.40
N VAL A 158 15.93 -11.93 -12.40
CA VAL A 158 14.70 -12.35 -13.05
C VAL A 158 14.81 -13.74 -13.62
N ASN A 159 15.99 -14.07 -14.14
CA ASN A 159 16.26 -15.42 -14.65
C ASN A 159 16.09 -16.54 -13.63
N ILE A 160 16.23 -16.21 -12.35
CA ILE A 160 16.11 -17.20 -11.31
C ILE A 160 14.80 -17.02 -10.52
N MET A 161 13.85 -16.32 -11.12
CA MET A 161 12.60 -16.03 -10.42
C MET A 161 11.42 -16.65 -11.14
N LYS A 162 10.36 -16.95 -10.40
CA LYS A 162 9.13 -17.51 -10.98
C LYS A 162 8.22 -16.42 -11.51
N PRO A 163 7.34 -16.77 -12.48
CA PRO A 163 6.30 -15.82 -12.89
C PRO A 163 5.53 -15.41 -11.66
N GLN A 164 5.00 -14.18 -11.64
CA GLN A 164 4.27 -13.64 -10.48
C GLN A 164 5.12 -13.41 -9.25
N SER A 165 6.43 -13.34 -9.42
CA SER A 165 7.33 -12.93 -8.34
C SER A 165 7.18 -11.43 -8.09
N SER A 166 7.85 -10.95 -7.04
CA SER A 166 7.67 -9.58 -6.59
C SER A 166 8.98 -9.05 -6.02
N ILE A 167 9.21 -7.77 -6.26
CA ILE A 167 10.46 -7.09 -5.93
C ILE A 167 10.15 -5.77 -5.20
N ILE A 168 10.90 -5.46 -4.15
CA ILE A 168 10.81 -4.14 -3.53
C ILE A 168 12.19 -3.55 -3.24
N SER A 169 12.24 -2.21 -3.18
CA SER A 169 13.42 -1.49 -2.70
C SER A 169 12.97 -0.49 -1.64
N LEU A 170 13.92 0.23 -1.05
CA LEU A 170 13.62 1.25 -0.04
C LEU A 170 14.08 2.60 -0.55
N THR A 171 13.22 3.60 -0.43
CA THR A 171 13.60 4.96 -0.82
C THR A 171 13.34 5.93 0.33
N TYR A 172 13.51 7.21 0.07
CA TYR A 172 13.33 8.25 1.08
C TYR A 172 12.83 9.52 0.42
N HIS A 173 11.97 10.25 1.14
CA HIS A 173 11.19 11.39 0.63
C HIS A 173 12.06 12.57 0.20
N ALA A 174 13.37 12.55 0.56
CA ALA A 174 14.34 13.53 0.03
C ALA A 174 14.45 13.55 -1.49
N SER A 175 14.01 12.49 -2.15
CA SER A 175 13.90 12.48 -3.61
C SER A 175 12.90 13.54 -4.10
N GLN A 176 11.86 13.79 -3.29
CA GLN A 176 10.72 14.59 -3.72
C GLN A 176 10.66 15.98 -3.08
N LYS A 177 11.16 16.11 -1.84
CA LYS A 177 11.16 17.38 -1.10
C LYS A 177 12.51 17.51 -0.45
N VAL A 178 12.96 18.74 -0.28
CA VAL A 178 14.33 18.99 0.17
C VAL A 178 14.58 18.63 1.61
N VAL A 179 15.58 17.77 1.81
CA VAL A 179 16.13 17.45 3.12
C VAL A 179 17.61 17.85 3.14
N PRO A 180 17.90 19.04 3.68
CA PRO A 180 19.28 19.52 3.78
C PRO A 180 20.04 18.50 4.60
N GLY A 181 21.24 18.13 4.19
CA GLY A 181 21.90 17.12 5.00
C GLY A 181 21.90 15.77 4.33
N TYR A 182 20.84 15.42 3.59
CA TYR A 182 20.81 14.14 2.84
C TYR A 182 21.65 14.37 1.58
N GLY A 183 23.00 14.35 1.73
CA GLY A 183 23.91 14.80 0.66
C GLY A 183 24.55 13.72 -0.20
N GLY A 184 25.56 14.12 -0.99
CA GLY A 184 26.39 13.22 -1.79
C GLY A 184 25.68 12.62 -3.01
N GLY A 185 24.48 13.15 -3.29
CA GLY A 185 23.70 12.64 -4.40
C GLY A 185 22.77 11.51 -3.99
N MET A 186 22.68 11.24 -2.70
CA MET A 186 21.66 10.31 -2.21
C MET A 186 20.23 10.73 -2.59
N SER A 187 19.93 12.02 -2.53
CA SER A 187 18.61 12.52 -2.93
C SER A 187 18.36 12.22 -4.41
N SER A 188 19.39 12.46 -5.23
CA SER A 188 19.33 12.15 -6.68
C SER A 188 19.15 10.67 -6.96
N ALA A 189 19.92 9.85 -6.23
CA ALA A 189 19.88 8.39 -6.34
C ALA A 189 18.46 7.86 -6.06
N LYS A 190 17.84 8.42 -5.01
CA LYS A 190 16.47 8.06 -4.62
C LYS A 190 15.42 8.52 -5.64
N ALA A 191 15.63 9.69 -6.24
CA ALA A 191 14.74 10.15 -7.32
C ALA A 191 14.83 9.19 -8.51
N ALA A 192 16.05 8.79 -8.87
CA ALA A 192 16.27 7.85 -9.95
C ALA A 192 15.68 6.49 -9.64
N LEU A 193 15.88 6.03 -8.40
CA LEU A 193 15.33 4.75 -7.95
C LEU A 193 13.80 4.72 -8.08
N GLU A 194 13.13 5.81 -7.68
CA GLU A 194 11.66 5.83 -7.73
C GLU A 194 11.15 5.84 -9.17
N SER A 195 11.88 6.52 -10.05
CA SER A 195 11.56 6.59 -11.47
C SER A 195 11.83 5.25 -12.15
N ASP A 196 13.00 4.68 -11.88
CA ASP A 196 13.40 3.35 -12.40
C ASP A 196 12.41 2.25 -12.00
N THR A 197 11.84 2.40 -10.80
CA THR A 197 10.85 1.46 -10.28
C THR A 197 9.63 1.40 -11.22
N ARG A 198 9.23 2.57 -11.76
CA ARG A 198 8.12 2.61 -12.72
C ARG A 198 8.50 1.95 -14.06
N VAL A 199 9.67 2.31 -14.60
CA VAL A 199 10.12 1.79 -15.89
C VAL A 199 10.34 0.27 -15.82
N LEU A 200 11.00 -0.17 -14.75
CA LEU A 200 11.13 -1.60 -14.46
C LEU A 200 9.77 -2.28 -14.31
N ALA A 201 8.83 -1.64 -13.60
CA ALA A 201 7.48 -2.21 -13.46
C ALA A 201 6.82 -2.51 -14.81
N TYR A 202 6.97 -1.57 -15.73
CA TYR A 202 6.41 -1.78 -17.07
C TYR A 202 7.05 -2.98 -17.77
N HIS A 203 8.38 -3.00 -17.83
CA HIS A 203 9.09 -4.05 -18.54
C HIS A 203 8.92 -5.43 -17.85
N LEU A 204 9.14 -5.49 -16.53
CA LEU A 204 8.94 -6.73 -15.77
C LEU A 204 7.51 -7.25 -15.79
N GLY A 205 6.53 -6.33 -15.78
CA GLY A 205 5.13 -6.71 -15.80
C GLY A 205 4.77 -7.29 -17.15
N ARG A 206 5.10 -6.57 -18.23
CA ARG A 206 4.76 -7.02 -19.57
C ARG A 206 5.51 -8.29 -19.96
N ASN A 207 6.78 -8.36 -19.66
CA ASN A 207 7.58 -9.48 -20.07
C ASN A 207 7.51 -10.70 -19.20
N TYR A 208 7.39 -10.50 -17.89
CA TYR A 208 7.49 -11.63 -16.96
C TYR A 208 6.35 -11.77 -15.98
N ASN A 209 5.40 -10.84 -16.01
CA ASN A 209 4.37 -10.78 -15.00
C ASN A 209 4.98 -10.65 -13.61
N ILE A 210 6.10 -9.94 -13.51
CA ILE A 210 6.75 -9.73 -12.22
C ILE A 210 6.46 -8.31 -11.78
N ARG A 211 6.20 -8.10 -10.49
CA ARG A 211 5.90 -6.76 -9.94
C ARG A 211 7.11 -6.14 -9.25
N ILE A 212 7.17 -4.82 -9.27
CA ILE A 212 8.21 -4.14 -8.49
C ILE A 212 7.60 -2.86 -7.92
N ASN A 213 7.90 -2.59 -6.66
CA ASN A 213 7.45 -1.42 -5.95
C ASN A 213 8.58 -0.92 -5.07
N THR A 214 8.42 0.27 -4.50
CA THR A 214 9.42 0.80 -3.56
C THR A 214 8.73 1.37 -2.33
N ILE A 215 9.32 1.16 -1.16
CA ILE A 215 8.74 1.67 0.08
C ILE A 215 9.50 2.92 0.49
N SER A 216 8.78 4.01 0.62
CA SER A 216 9.40 5.24 1.12
C SER A 216 9.25 5.23 2.62
N ALA A 217 10.34 4.88 3.29
CA ALA A 217 10.36 4.69 4.76
C ALA A 217 10.62 6.00 5.51
N GLY A 218 10.05 6.14 6.71
CA GLY A 218 10.45 7.21 7.63
C GLY A 218 11.77 6.89 8.32
N PRO A 219 12.23 7.78 9.21
CA PRO A 219 13.59 7.64 9.77
C PRO A 219 13.73 6.51 10.79
N LEU A 220 14.84 5.79 10.70
CA LEU A 220 15.17 4.67 11.60
C LEU A 220 16.64 4.82 11.93
N LYS A 221 16.98 4.62 13.21
CA LYS A 221 18.34 4.77 13.68
C LYS A 221 19.20 3.55 13.31
N SER A 222 19.42 3.37 12.01
CA SER A 222 20.20 2.28 11.50
C SER A 222 21.68 2.71 11.51
N ARG A 223 22.58 1.77 11.23
CA ARG A 223 23.99 2.11 11.09
C ARG A 223 24.26 3.14 9.97
N ALA A 224 23.73 2.88 8.76
CA ALA A 224 23.89 3.88 7.69
C ALA A 224 23.38 5.28 8.10
N ALA A 225 22.22 5.33 8.78
CA ALA A 225 21.62 6.63 9.15
C ALA A 225 22.56 7.43 10.08
N THR A 226 23.17 6.73 11.04
CA THR A 226 24.11 7.34 12.00
C THR A 226 25.29 7.98 11.27
N ALA A 227 25.62 7.45 10.09
CA ALA A 227 26.73 7.97 9.27
C ALA A 227 26.44 9.28 8.51
N ILE A 228 25.16 9.64 8.37
CA ILE A 228 24.79 10.95 7.78
C ILE A 228 25.00 12.13 8.76
N ASN A 229 25.63 13.20 8.28
CA ASN A 229 25.90 14.40 9.12
C ASN A 229 25.42 15.71 8.47
N THR A 272 23.58 12.68 14.07
CA THR A 272 22.65 13.65 14.64
C THR A 272 21.60 14.13 13.63
N PHE A 273 21.93 14.10 12.34
CA PHE A 273 20.91 14.19 11.30
C PHE A 273 19.75 13.24 11.62
N ILE A 274 20.06 11.97 11.86
CA ILE A 274 19.04 10.98 12.15
C ILE A 274 18.29 11.27 13.46
N ASP A 275 18.98 11.75 14.49
CA ASP A 275 18.29 12.07 15.74
C ASP A 275 17.26 13.19 15.54
N TYR A 276 17.65 14.19 14.76
CA TYR A 276 16.72 15.24 14.38
C TYR A 276 15.48 14.73 13.62
N ALA A 277 15.69 13.91 12.60
CA ALA A 277 14.63 13.42 11.74
C ALA A 277 13.65 12.61 12.54
N ILE A 278 14.18 11.75 13.43
CA ILE A 278 13.34 10.92 14.30
C ILE A 278 12.55 11.81 15.24
N GLU A 279 13.21 12.78 15.88
CA GLU A 279 12.55 13.68 16.82
C GLU A 279 11.46 14.48 16.10
N TYR A 280 11.77 15.01 14.93
CA TYR A 280 10.80 15.75 14.13
C TYR A 280 9.58 14.88 13.74
N SER A 281 9.87 13.65 13.30
CA SER A 281 8.85 12.71 12.87
C SER A 281 7.89 12.36 14.03
N GLU A 282 8.47 11.96 15.16
CA GLU A 282 7.69 11.64 16.36
C GLU A 282 6.93 12.84 16.91
N LYS A 283 7.38 14.05 16.61
CA LYS A 283 6.65 15.24 17.04
C LYS A 283 5.53 15.65 16.06
N TYR A 284 5.76 15.51 14.76
CA TYR A 284 4.90 16.13 13.75
C TYR A 284 4.13 15.18 12.84
N ALA A 285 4.51 13.90 12.80
CA ALA A 285 3.80 12.93 11.99
C ALA A 285 2.35 12.82 12.51
N PRO A 286 1.38 12.59 11.62
CA PRO A 286 0.02 12.28 12.10
C PRO A 286 -0.01 11.18 13.18
N LEU A 287 0.81 10.13 13.01
CA LEU A 287 0.85 9.06 14.01
C LEU A 287 2.07 9.21 14.90
N ARG A 288 1.86 9.25 16.21
CA ARG A 288 2.94 9.52 17.17
C ARG A 288 3.80 8.33 17.57
N GLN A 289 3.32 7.11 17.33
CA GLN A 289 4.05 5.86 17.54
CA GLN A 289 4.10 5.95 17.71
C GLN A 289 5.51 5.96 17.06
N LYS A 290 6.43 5.32 17.73
CA LYS A 290 7.79 5.20 17.24
C LYS A 290 7.81 4.29 16.02
N LEU A 291 8.46 4.73 14.96
CA LEU A 291 8.48 3.91 13.73
C LEU A 291 9.49 2.76 13.89
N LEU A 292 9.04 1.54 13.67
CA LEU A 292 9.87 0.34 13.86
C LEU A 292 10.26 -0.30 12.53
N SER A 293 11.41 -0.96 12.48
CA SER A 293 11.80 -1.65 11.23
C SER A 293 10.74 -2.65 10.77
N THR A 294 10.07 -3.30 11.72
CA THR A 294 9.00 -4.26 11.42
C THR A 294 7.71 -3.61 10.89
N ASP A 295 7.53 -2.30 11.12
CA ASP A 295 6.41 -1.54 10.49
C ASP A 295 6.65 -1.49 8.99
N ILE A 296 7.90 -1.26 8.56
CA ILE A 296 8.26 -1.33 7.15
C ILE A 296 8.22 -2.81 6.69
N GLY A 297 8.66 -3.71 7.56
CA GLY A 297 8.69 -5.16 7.23
C GLY A 297 7.34 -5.75 6.88
N SER A 298 6.31 -5.40 7.64
CA SER A 298 4.98 -5.94 7.35
C SER A 298 4.37 -5.36 6.05
N VAL A 299 4.73 -4.14 5.70
CA VAL A 299 4.32 -3.61 4.40
C VAL A 299 5.07 -4.33 3.25
N ALA A 300 6.37 -4.52 3.44
CA ALA A 300 7.19 -5.27 2.51
C ALA A 300 6.63 -6.66 2.27
N SER A 301 6.33 -7.35 3.37
CA SER A 301 5.77 -8.69 3.30
C SER A 301 4.46 -8.70 2.50
N PHE A 302 3.62 -7.70 2.71
CA PHE A 302 2.39 -7.58 1.91
C PHE A 302 2.70 -7.35 0.40
N LEU A 303 3.59 -6.41 0.13
CA LEU A 303 3.98 -6.10 -1.27
C LEU A 303 4.64 -7.28 -2.01
N LEU A 304 5.25 -8.17 -1.25
CA LEU A 304 5.97 -9.31 -1.81
C LEU A 304 5.04 -10.51 -1.96
N SER A 305 3.89 -10.46 -1.29
CA SER A 305 2.91 -11.55 -1.36
C SER A 305 1.93 -11.34 -2.52
N ARG A 306 1.16 -12.39 -2.83
CA ARG A 306 0.13 -12.26 -3.85
C ARG A 306 -1.08 -11.40 -3.47
N GLU A 307 -1.24 -11.06 -2.19
CA GLU A 307 -2.32 -10.15 -1.75
C GLU A 307 -2.28 -8.78 -2.46
N SER A 308 -1.11 -8.43 -2.97
CA SER A 308 -0.90 -7.17 -3.66
C SER A 308 -0.71 -7.33 -5.17
N ARG A 309 -1.22 -8.42 -5.74
CA ARG A 309 -1.07 -8.73 -7.17
CA ARG A 309 -1.03 -8.73 -7.17
C ARG A 309 -1.41 -7.60 -8.14
N ALA A 310 -2.24 -6.63 -7.71
CA ALA A 310 -2.60 -5.53 -8.62
C ALA A 310 -1.85 -4.22 -8.36
N ILE A 311 -0.79 -4.27 -7.56
CA ILE A 311 0.05 -3.11 -7.28
C ILE A 311 1.44 -3.26 -7.87
N THR A 312 1.81 -2.33 -8.75
CA THR A 312 3.16 -2.31 -9.28
C THR A 312 3.60 -0.91 -9.71
N GLY A 313 4.91 -0.64 -9.66
CA GLY A 313 5.46 0.63 -10.12
C GLY A 313 5.25 1.77 -9.11
N GLN A 314 4.84 1.43 -7.89
CA GLN A 314 4.43 2.42 -6.89
C GLN A 314 5.49 2.74 -5.85
N THR A 315 5.50 4.00 -5.40
CA THR A 315 6.20 4.43 -4.19
C THR A 315 5.16 4.47 -3.05
N ILE A 316 5.33 3.57 -2.08
CA ILE A 316 4.37 3.44 -0.96
C ILE A 316 5.02 4.02 0.28
N TYR A 317 4.36 5.02 0.88
CA TYR A 317 4.91 5.71 2.04
C TYR A 317 4.59 4.99 3.34
N VAL A 318 5.63 4.60 4.07
CA VAL A 318 5.48 3.92 5.36
C VAL A 318 6.31 4.74 6.36
N ASP A 319 5.71 5.81 6.87
CA ASP A 319 6.43 6.87 7.55
C ASP A 319 5.53 7.57 8.58
N ASN A 320 4.53 6.84 9.08
CA ASN A 320 3.54 7.39 10.02
C ASN A 320 2.79 8.62 9.51
N GLY A 321 2.76 8.81 8.19
CA GLY A 321 2.04 9.91 7.53
C GLY A 321 2.83 11.19 7.40
N LEU A 322 4.09 11.22 7.85
CA LEU A 322 4.84 12.49 7.88
C LEU A 322 4.84 13.22 6.52
N ASN A 323 4.96 12.47 5.42
CA ASN A 323 5.05 13.06 4.08
C ASN A 323 3.86 13.95 3.70
N ILE A 324 2.72 13.80 4.39
CA ILE A 324 1.51 14.53 3.98
C ILE A 324 1.46 15.95 4.56
N MET A 325 2.39 16.25 5.47
CA MET A 325 2.37 17.50 6.20
C MET A 325 3.04 18.64 5.42
N PHE A 326 2.53 19.85 5.55
CA PHE A 326 3.23 21.00 5.01
C PHE A 326 3.77 21.83 6.16
N LEU A 327 2.87 22.36 6.96
CA LEU A 327 3.21 23.34 7.97
C LEU A 327 3.25 22.68 9.35
N PRO A 328 4.49 22.50 9.89
CA PRO A 328 4.67 22.05 11.30
C PRO A 328 3.70 22.81 12.19
N ASP A 329 2.77 22.09 12.81
CA ASP A 329 1.76 22.68 13.70
C ASP A 329 2.35 23.10 15.06
N ASN B 1 -9.76 -11.66 16.99
CA ASN B 1 -10.02 -10.75 18.16
C ASN B 1 -11.29 -9.93 17.97
N GLU B 2 -12.30 -10.55 17.34
CA GLU B 2 -13.49 -9.84 16.85
C GLU B 2 -13.19 -8.49 16.17
N ASP B 3 -12.64 -8.57 14.97
CA ASP B 3 -12.59 -7.44 14.09
C ASP B 3 -13.97 -7.25 13.49
N ILE B 4 -14.47 -6.01 13.55
CA ILE B 4 -15.73 -5.68 12.92
C ILE B 4 -15.57 -4.50 11.95
N CYS B 5 -16.16 -4.66 10.76
CA CYS B 5 -16.04 -3.68 9.72
C CYS B 5 -17.43 -3.26 9.19
N PHE B 6 -17.68 -1.96 9.18
CA PHE B 6 -18.83 -1.40 8.50
C PHE B 6 -18.46 -1.00 7.07
N ILE B 7 -19.16 -1.58 6.11
CA ILE B 7 -18.99 -1.25 4.70
C ILE B 7 -20.15 -0.40 4.21
N ALA B 8 -19.87 0.87 4.00
CA ALA B 8 -20.83 1.81 3.47
C ALA B 8 -20.77 1.83 1.94
N GLY B 9 -21.78 1.22 1.30
CA GLY B 9 -21.92 1.29 -0.16
C GLY B 9 -21.88 -0.04 -0.88
N ILE B 10 -22.80 -0.95 -0.55
CA ILE B 10 -22.99 -2.16 -1.36
C ILE B 10 -24.47 -2.24 -1.77
N GLY B 11 -24.74 -2.69 -3.00
CA GLY B 11 -26.11 -2.80 -3.53
C GLY B 11 -26.33 -4.05 -4.37
N ASP B 12 -25.27 -4.82 -4.55
CA ASP B 12 -25.28 -6.08 -5.30
C ASP B 12 -23.88 -6.66 -5.10
N THR B 13 -23.52 -7.68 -5.88
CA THR B 13 -22.25 -8.36 -5.73
C THR B 13 -21.25 -8.01 -6.83
N ASN B 14 -21.55 -6.99 -7.63
CA ASN B 14 -20.75 -6.67 -8.83
C ASN B 14 -19.74 -5.52 -8.66
N GLY B 15 -19.72 -4.89 -7.49
CA GLY B 15 -18.88 -3.72 -7.24
C GLY B 15 -17.70 -4.02 -6.32
N TYR B 16 -16.99 -2.96 -5.90
CA TYR B 16 -15.81 -3.12 -5.06
C TYR B 16 -16.18 -3.44 -3.60
N GLY B 17 -17.33 -2.94 -3.14
CA GLY B 17 -17.84 -3.24 -1.78
C GLY B 17 -17.93 -4.75 -1.53
N TRP B 18 -18.41 -5.50 -2.51
CA TRP B 18 -18.51 -6.95 -2.40
C TRP B 18 -17.14 -7.64 -2.36
N GLY B 19 -16.23 -7.22 -3.23
CA GLY B 19 -14.86 -7.74 -3.21
C GLY B 19 -14.18 -7.48 -1.90
N ILE B 20 -14.40 -6.29 -1.34
CA ILE B 20 -13.83 -5.93 -0.06
C ILE B 20 -14.44 -6.85 1.01
N ALA B 21 -15.77 -7.02 0.99
CA ALA B 21 -16.44 -7.89 1.99
C ALA B 21 -15.88 -9.30 1.95
N LYS B 22 -15.72 -9.81 0.74
CA LYS B 22 -15.28 -11.17 0.52
C LYS B 22 -13.88 -11.41 1.10
N GLU B 23 -12.97 -10.47 0.83
CA GLU B 23 -11.58 -10.61 1.30
C GLU B 23 -11.47 -10.44 2.81
N LEU B 24 -12.24 -9.51 3.37
CA LEU B 24 -12.26 -9.34 4.82
C LEU B 24 -12.83 -10.59 5.51
N SER B 25 -13.86 -11.17 4.92
CA SER B 25 -14.52 -12.33 5.47
C SER B 25 -13.51 -13.49 5.56
N LYS B 26 -12.71 -13.66 4.51
CA LYS B 26 -11.60 -14.61 4.50
C LYS B 26 -10.67 -14.48 5.68
N ARG B 27 -10.52 -13.27 6.19
CA ARG B 27 -9.67 -13.02 7.36
CA ARG B 27 -9.67 -12.99 7.35
C ARG B 27 -10.51 -13.07 8.64
N ASN B 28 -11.76 -13.45 8.51
CA ASN B 28 -12.62 -13.66 9.68
C ASN B 28 -13.16 -12.38 10.32
N VAL B 29 -13.06 -11.26 9.60
CA VAL B 29 -13.57 -9.98 10.08
C VAL B 29 -15.08 -10.08 9.94
N LYS B 30 -15.81 -9.59 10.93
CA LYS B 30 -17.26 -9.55 10.81
C LYS B 30 -17.68 -8.33 9.99
N ILE B 31 -18.62 -8.56 9.08
N ILE B 31 -18.58 -8.52 9.04
CA ILE B 31 -19.06 -7.55 8.12
CA ILE B 31 -18.98 -7.43 8.14
C ILE B 31 -20.48 -7.01 8.40
C ILE B 31 -20.43 -7.00 8.25
N ILE B 32 -20.63 -5.70 8.41
CA ILE B 32 -21.93 -5.06 8.46
C ILE B 32 -22.11 -4.22 7.20
N PHE B 33 -23.19 -4.45 6.45
CA PHE B 33 -23.44 -3.73 5.20
C PHE B 33 -24.32 -2.51 5.47
N GLY B 34 -23.90 -1.38 4.92
CA GLY B 34 -24.74 -0.18 4.87
C GLY B 34 -25.27 -0.10 3.45
N ILE B 35 -26.60 -0.20 3.31
CA ILE B 35 -27.25 -0.34 2.01
C ILE B 35 -28.20 0.86 1.76
N TRP B 36 -27.95 1.58 0.67
CA TRP B 36 -28.70 2.77 0.28
C TRP B 36 -30.20 2.42 0.11
N PRO B 37 -31.10 3.21 0.71
CA PRO B 37 -32.53 2.81 0.71
C PRO B 37 -33.21 2.56 -0.64
N PRO B 38 -32.82 3.28 -1.71
CA PRO B 38 -33.40 2.88 -3.00
C PRO B 38 -33.15 1.43 -3.45
N VAL B 39 -32.05 0.79 -3.04
CA VAL B 39 -31.76 -0.57 -3.50
C VAL B 39 -31.92 -1.61 -2.37
N TYR B 40 -32.23 -1.12 -1.17
CA TYR B 40 -32.22 -1.94 0.03
C TYR B 40 -33.19 -3.13 -0.01
N ASN B 41 -34.44 -2.87 -0.38
CA ASN B 41 -35.45 -3.90 -0.43
CA ASN B 41 -35.49 -3.91 -0.44
C ASN B 41 -35.07 -5.01 -1.40
N ILE B 42 -34.67 -4.61 -2.61
CA ILE B 42 -34.27 -5.59 -3.61
C ILE B 42 -32.99 -6.33 -3.19
N PHE B 43 -32.09 -5.66 -2.49
CA PHE B 43 -30.91 -6.35 -1.97
C PHE B 43 -31.34 -7.44 -1.00
N MET B 44 -32.20 -7.09 -0.05
CA MET B 44 -32.64 -8.04 0.99
C MET B 44 -33.42 -9.22 0.41
N LYS B 45 -34.32 -8.94 -0.54
CA LYS B 45 -35.07 -10.03 -1.21
C LYS B 45 -34.15 -10.99 -1.93
N ASN B 46 -33.25 -10.46 -2.76
CA ASN B 46 -32.29 -11.29 -3.48
C ASN B 46 -31.48 -12.16 -2.54
N TYR B 47 -31.06 -11.57 -1.43
CA TYR B 47 -30.24 -12.26 -0.45
C TYR B 47 -31.03 -13.42 0.17
N LYS B 48 -32.21 -13.10 0.71
CA LYS B 48 -33.13 -14.08 1.29
C LYS B 48 -33.45 -15.23 0.34
N ASN B 49 -33.72 -14.92 -0.92
CA ASN B 49 -33.97 -15.89 -1.96
C ASN B 49 -32.73 -16.65 -2.45
N GLY B 50 -31.60 -16.49 -1.76
CA GLY B 50 -30.36 -17.19 -2.12
C GLY B 50 -29.66 -16.78 -3.42
N LYS B 51 -30.07 -15.67 -4.02
CA LYS B 51 -29.44 -15.19 -5.26
C LYS B 51 -27.92 -14.88 -5.13
N PHE B 52 -27.44 -14.65 -3.90
CA PHE B 52 -26.03 -14.28 -3.70
C PHE B 52 -25.15 -15.44 -3.21
N ASP B 53 -25.77 -16.60 -3.00
CA ASP B 53 -25.08 -17.74 -2.42
C ASP B 53 -23.82 -18.17 -3.17
N ASN B 54 -23.86 -18.19 -4.50
CA ASN B 54 -22.68 -18.55 -5.28
C ASN B 54 -21.59 -17.49 -5.10
N ASP B 55 -22.00 -16.22 -5.09
CA ASP B 55 -21.08 -15.10 -4.91
C ASP B 55 -20.47 -15.02 -3.52
N MET B 56 -21.13 -15.65 -2.55
CA MET B 56 -20.64 -15.71 -1.18
C MET B 56 -19.61 -16.82 -0.94
N ILE B 57 -19.42 -17.68 -1.94
CA ILE B 57 -18.47 -18.81 -1.84
C ILE B 57 -17.02 -18.28 -1.87
N ILE B 58 -16.30 -18.46 -0.76
CA ILE B 58 -14.91 -18.03 -0.68
C ILE B 58 -14.04 -18.98 -1.50
N ASP B 59 -13.96 -20.24 -1.07
CA ASP B 59 -13.12 -21.24 -1.74
C ASP B 59 -13.76 -22.64 -1.79
N LYS B 60 -15.07 -22.70 -1.50
CA LYS B 60 -15.80 -23.97 -1.32
C LYS B 60 -15.34 -24.73 -0.06
N ASP B 61 -14.27 -24.23 0.56
CA ASP B 61 -13.93 -24.58 1.93
C ASP B 61 -14.75 -23.65 2.83
N LYS B 62 -14.79 -22.36 2.46
CA LYS B 62 -15.46 -21.31 3.27
C LYS B 62 -16.45 -20.48 2.46
N LYS B 63 -17.45 -19.95 3.17
CA LYS B 63 -18.43 -19.00 2.61
C LYS B 63 -18.52 -17.73 3.50
N MET B 64 -18.85 -16.60 2.89
N MET B 64 -18.85 -16.59 2.88
CA MET B 64 -18.91 -15.33 3.61
CA MET B 64 -18.93 -15.31 3.59
C MET B 64 -19.93 -15.38 4.73
C MET B 64 -19.93 -15.39 4.74
N ASN B 65 -19.62 -14.72 5.84
CA ASN B 65 -20.58 -14.54 6.92
C ASN B 65 -20.81 -13.06 7.07
N ILE B 66 -22.07 -12.68 6.95
CA ILE B 66 -22.47 -11.29 7.06
C ILE B 66 -23.15 -11.10 8.41
N LEU B 67 -22.56 -10.27 9.28
CA LEU B 67 -23.12 -10.01 10.60
C LEU B 67 -24.46 -9.27 10.53
N ASP B 68 -24.56 -8.27 9.64
CA ASP B 68 -25.74 -7.42 9.63
C ASP B 68 -25.83 -6.63 8.34
N MET B 69 -27.04 -6.15 8.06
CA MET B 69 -27.40 -5.47 6.82
C MET B 69 -28.35 -4.35 7.17
N LEU B 70 -27.91 -3.11 6.96
CA LEU B 70 -28.60 -1.97 7.51
C LEU B 70 -28.90 -0.94 6.43
N PRO B 71 -30.12 -0.37 6.44
CA PRO B 71 -30.40 0.73 5.51
C PRO B 71 -29.51 1.93 5.88
N PHE B 72 -28.97 2.58 4.86
CA PHE B 72 -27.97 3.62 5.08
C PHE B 72 -27.95 4.63 3.95
N ASP B 73 -28.09 5.90 4.30
CA ASP B 73 -28.04 6.96 3.29
C ASP B 73 -27.05 8.02 3.73
N ALA B 74 -25.93 8.06 3.01
CA ALA B 74 -24.79 8.92 3.31
C ALA B 74 -25.01 10.39 2.94
N SER B 75 -26.20 10.70 2.38
CA SER B 75 -26.69 12.06 2.14
C SER B 75 -27.06 12.77 3.44
N PHE B 76 -27.39 12.00 4.48
CA PHE B 76 -27.92 12.58 5.73
C PHE B 76 -27.02 12.34 6.91
N ASP B 77 -26.59 13.42 7.54
CA ASP B 77 -25.71 13.32 8.69
C ASP B 77 -26.46 12.85 9.95
N THR B 78 -27.61 13.45 10.24
CA THR B 78 -28.43 13.10 11.40
C THR B 78 -29.90 13.14 10.95
N ALA B 79 -30.76 12.51 11.77
CA ALA B 79 -32.22 12.54 11.61
C ALA B 79 -32.76 13.91 11.29
N ASN B 80 -32.22 14.92 11.93
CA ASN B 80 -32.66 16.29 11.68
C ASN B 80 -32.36 16.82 10.28
N ASP B 81 -31.44 16.18 9.55
CA ASP B 81 -31.14 16.59 8.16
C ASP B 81 -32.12 16.05 7.12
N ILE B 82 -32.93 15.06 7.49
CA ILE B 82 -33.80 14.42 6.50
C ILE B 82 -35.04 15.26 6.21
N ASP B 83 -35.17 15.72 4.97
CA ASP B 83 -36.33 16.50 4.54
C ASP B 83 -37.61 15.67 4.66
N GLU B 84 -38.72 16.35 4.92
CA GLU B 84 -40.01 15.69 5.02
C GLU B 84 -40.32 14.80 3.81
N GLU B 85 -40.03 15.28 2.59
CA GLU B 85 -40.30 14.48 1.38
C GLU B 85 -39.61 13.11 1.42
N THR B 86 -38.30 13.12 1.69
CA THR B 86 -37.54 11.87 1.77
C THR B 86 -38.06 10.92 2.84
N LYS B 87 -38.29 11.45 4.05
CA LYS B 87 -38.90 10.69 5.17
C LYS B 87 -40.12 9.92 4.74
N ASN B 88 -40.92 10.56 3.88
CA ASN B 88 -42.19 10.00 3.46
C ASN B 88 -42.19 9.30 2.12
N ASN B 89 -41.03 9.32 1.46
CA ASN B 89 -40.90 8.70 0.17
C ASN B 89 -41.17 7.22 0.26
N LYS B 90 -41.76 6.68 -0.80
CA LYS B 90 -42.13 5.29 -0.84
C LYS B 90 -41.05 4.34 -0.34
N ARG B 91 -39.80 4.56 -0.75
CA ARG B 91 -38.70 3.63 -0.41
C ARG B 91 -38.09 3.91 0.96
N TYR B 92 -38.29 5.10 1.50
CA TYR B 92 -37.71 5.46 2.80
C TYR B 92 -38.67 5.29 3.95
N ASN B 93 -39.96 5.35 3.62
CA ASN B 93 -41.01 5.43 4.62
C ASN B 93 -40.99 4.30 5.66
N MET B 94 -40.69 3.09 5.22
CA MET B 94 -40.63 1.91 6.10
C MET B 94 -39.27 1.65 6.76
N LEU B 95 -38.33 2.59 6.64
CA LEU B 95 -36.98 2.37 7.14
C LEU B 95 -36.66 3.37 8.24
N GLN B 96 -35.78 3.00 9.17
CA GLN B 96 -35.44 3.88 10.28
C GLN B 96 -33.94 3.87 10.54
N ASN B 97 -33.43 4.89 11.22
CA ASN B 97 -32.02 4.91 11.68
C ASN B 97 -31.01 4.71 10.55
N TYR B 98 -31.26 5.40 9.44
CA TYR B 98 -30.46 5.24 8.24
C TYR B 98 -29.53 6.43 7.96
N THR B 99 -29.56 7.45 8.81
CA THR B 99 -28.63 8.56 8.65
C THR B 99 -27.26 8.12 9.16
N ILE B 100 -26.23 8.92 8.92
CA ILE B 100 -24.88 8.54 9.33
C ILE B 100 -24.77 8.39 10.87
N GLU B 101 -25.23 9.38 11.61
CA GLU B 101 -25.24 9.32 13.05
C GLU B 101 -26.09 8.15 13.57
N ASP B 102 -27.28 7.95 13.01
CA ASP B 102 -28.17 6.88 13.52
C ASP B 102 -27.60 5.48 13.32
N VAL B 103 -26.89 5.26 12.21
CA VAL B 103 -26.35 3.94 11.92
C VAL B 103 -25.15 3.67 12.82
N ALA B 104 -24.38 4.73 13.06
CA ALA B 104 -23.27 4.65 13.99
C ALA B 104 -23.81 4.25 15.40
N ASN B 105 -24.85 4.94 15.87
CA ASN B 105 -25.48 4.62 17.16
C ASN B 105 -26.03 3.21 17.22
N LEU B 106 -26.78 2.84 16.19
CA LEU B 106 -27.34 1.51 16.08
C LEU B 106 -26.26 0.44 16.12
N ILE B 107 -25.20 0.64 15.33
CA ILE B 107 -24.12 -0.33 15.32
C ILE B 107 -23.54 -0.41 16.72
N HIS B 108 -23.28 0.74 17.34
CA HIS B 108 -22.65 0.76 18.64
C HIS B 108 -23.53 0.00 19.68
N GLN B 109 -24.84 0.26 19.69
CA GLN B 109 -25.75 -0.39 20.62
C GLN B 109 -25.76 -1.92 20.45
N LYS B 110 -25.81 -2.41 19.23
CA LYS B 110 -25.89 -3.84 18.98
C LYS B 110 -24.56 -4.57 19.16
N TYR B 111 -23.44 -3.94 18.83
CA TYR B 111 -22.18 -4.68 18.75
C TYR B 111 -21.03 -4.03 19.49
N GLY B 112 -21.26 -2.89 20.11
CA GLY B 112 -20.17 -2.11 20.71
C GLY B 112 -19.25 -1.45 19.66
N LYS B 113 -18.07 -1.04 20.09
CA LYS B 113 -17.11 -0.36 19.22
C LYS B 113 -16.59 -1.25 18.10
N ILE B 114 -16.35 -0.65 16.94
CA ILE B 114 -15.79 -1.37 15.78
C ILE B 114 -14.36 -0.90 15.48
N ASN B 115 -13.67 -1.55 14.55
CA ASN B 115 -12.30 -1.14 14.28
C ASN B 115 -11.94 -0.97 12.81
N MET B 116 -12.91 -1.16 11.94
CA MET B 116 -12.68 -1.03 10.50
C MET B 116 -13.86 -0.35 9.85
N LEU B 117 -13.59 0.58 8.95
CA LEU B 117 -14.62 1.36 8.25
C LEU B 117 -14.25 1.53 6.75
N VAL B 118 -15.21 1.20 5.90
CA VAL B 118 -15.04 1.29 4.44
C VAL B 118 -16.10 2.22 3.86
N HIS B 119 -15.62 3.26 3.18
CA HIS B 119 -16.45 4.15 2.39
C HIS B 119 -16.28 3.64 0.99
N SER B 120 -17.32 3.03 0.44
CA SER B 120 -17.27 2.51 -0.90
CA SER B 120 -17.26 2.54 -0.92
C SER B 120 -18.48 3.00 -1.72
N LEU B 121 -18.73 4.30 -1.68
CA LEU B 121 -19.87 4.86 -2.38
C LEU B 121 -19.51 6.18 -3.07
N ALA B 122 -20.31 6.53 -4.05
CA ALA B 122 -20.15 7.79 -4.76
C ALA B 122 -21.47 8.00 -5.45
N ASN B 123 -21.76 9.26 -5.75
CA ASN B 123 -22.92 9.62 -6.54
C ASN B 123 -22.78 11.05 -7.08
N ALA B 124 -23.44 11.29 -8.21
CA ALA B 124 -23.39 12.57 -8.91
C ALA B 124 -24.52 12.55 -9.94
N LYS B 125 -25.50 13.40 -9.74
CA LYS B 125 -26.65 13.51 -10.64
C LYS B 125 -26.30 13.78 -12.10
N GLU B 126 -25.25 14.57 -12.34
CA GLU B 126 -24.87 14.96 -13.70
C GLU B 126 -23.61 14.31 -14.22
N VAL B 127 -23.30 13.10 -13.74
CA VAL B 127 -22.11 12.36 -14.12
C VAL B 127 -21.93 12.23 -15.64
N GLN B 128 -23.03 12.24 -16.38
CA GLN B 128 -22.98 12.07 -17.83
C GLN B 128 -22.60 13.35 -18.56
N LYS B 129 -22.54 14.46 -17.84
CA LYS B 129 -22.21 15.72 -18.48
C LYS B 129 -20.72 16.03 -18.33
N ASP B 130 -20.13 16.69 -19.30
CA ASP B 130 -18.77 17.11 -19.05
CA ASP B 130 -18.79 17.24 -19.17
C ASP B 130 -18.79 18.24 -18.01
N LEU B 131 -17.62 18.43 -17.37
CA LEU B 131 -17.49 19.39 -16.27
C LEU B 131 -18.04 20.76 -16.64
N LEU B 132 -17.68 21.23 -17.82
CA LEU B 132 -18.12 22.56 -18.30
C LEU B 132 -19.63 22.69 -18.44
N ASN B 133 -20.31 21.57 -18.65
CA ASN B 133 -21.77 21.57 -18.78
C ASN B 133 -22.47 21.13 -17.50
N THR B 134 -21.72 21.00 -16.41
CA THR B 134 -22.32 20.60 -15.13
C THR B 134 -22.86 21.84 -14.43
N SER B 135 -24.06 21.74 -13.85
CA SER B 135 -24.66 22.89 -13.15
C SER B 135 -24.04 23.00 -11.77
N ARG B 136 -24.24 24.16 -11.12
CA ARG B 136 -23.89 24.34 -9.71
C ARG B 136 -24.51 23.23 -8.81
N LYS B 137 -25.81 23.01 -8.94
CA LYS B 137 -26.51 21.95 -8.17
C LYS B 137 -25.86 20.57 -8.41
N GLY B 138 -25.61 20.22 -9.67
CA GLY B 138 -25.10 18.89 -10.00
C GLY B 138 -23.69 18.68 -9.43
N TYR B 139 -22.85 19.71 -9.53
CA TYR B 139 -21.48 19.70 -8.98
C TYR B 139 -21.51 19.54 -7.45
N LEU B 140 -22.36 20.32 -6.80
CA LEU B 140 -22.46 20.25 -5.33
C LEU B 140 -23.02 18.90 -4.89
N ASP B 141 -23.96 18.35 -5.66
CA ASP B 141 -24.42 16.98 -5.43
C ASP B 141 -23.24 15.99 -5.47
N ALA B 142 -22.35 16.11 -6.45
CA ALA B 142 -21.22 15.17 -6.55
C ALA B 142 -20.32 15.26 -5.30
N LEU B 143 -20.04 16.49 -4.89
CA LEU B 143 -19.15 16.71 -3.73
C LEU B 143 -19.79 16.26 -2.43
N SER B 144 -21.10 16.51 -2.31
CA SER B 144 -21.86 16.15 -1.12
C SER B 144 -21.87 14.65 -0.90
N LYS B 145 -22.23 13.92 -1.95
CA LYS B 145 -22.45 12.49 -1.81
C LYS B 145 -21.14 11.69 -1.85
N SER B 146 -20.16 12.16 -2.64
CA SER B 146 -18.93 11.38 -2.88
C SER B 146 -17.77 11.79 -1.99
N SER B 147 -17.78 13.03 -1.51
CA SER B 147 -16.63 13.59 -0.77
C SER B 147 -17.02 13.95 0.65
N TYR B 148 -18.03 14.81 0.82
CA TYR B 148 -18.42 15.18 2.19
C TYR B 148 -18.86 13.95 2.99
N SER B 149 -19.51 12.98 2.32
CA SER B 149 -19.98 11.79 3.01
C SER B 149 -18.83 11.10 3.79
N LEU B 150 -17.60 11.17 3.29
CA LEU B 150 -16.46 10.57 4.00
C LEU B 150 -16.18 11.31 5.29
N ILE B 151 -16.10 12.64 5.21
CA ILE B 151 -15.81 13.44 6.39
C ILE B 151 -16.83 13.18 7.52
N SER B 152 -18.11 13.22 7.14
CA SER B 152 -19.20 12.98 8.04
C SER B 152 -19.17 11.55 8.64
N LEU B 153 -18.90 10.59 7.77
CA LEU B 153 -18.73 9.20 8.14
C LEU B 153 -17.70 9.11 9.25
N CYS B 154 -16.56 9.76 9.02
CA CYS B 154 -15.46 9.81 10.00
C CYS B 154 -15.89 10.50 11.29
N LYS B 155 -16.53 11.66 11.18
CA LYS B 155 -16.96 12.43 12.34
C LYS B 155 -17.81 11.61 13.33
N TYR B 156 -18.75 10.84 12.82
CA TYR B 156 -19.67 10.06 13.65
C TYR B 156 -19.12 8.68 14.01
N PHE B 157 -18.32 8.07 13.15
CA PHE B 157 -17.81 6.74 13.47
C PHE B 157 -16.62 6.74 14.43
N VAL B 158 -15.89 7.84 14.53
CA VAL B 158 -14.70 7.85 15.41
C VAL B 158 -15.09 7.61 16.85
N ASN B 159 -16.31 8.00 17.20
CA ASN B 159 -16.80 7.79 18.55
C ASN B 159 -17.11 6.35 18.85
N ILE B 160 -17.31 5.53 17.82
CA ILE B 160 -17.63 4.13 18.05
C ILE B 160 -16.49 3.24 17.57
N MET B 161 -15.30 3.83 17.41
CA MET B 161 -14.17 3.04 16.96
C MET B 161 -13.07 3.04 18.01
N LYS B 162 -12.34 1.93 18.07
CA LYS B 162 -11.25 1.77 19.01
C LYS B 162 -10.00 2.50 18.50
N PRO B 163 -9.07 2.86 19.42
CA PRO B 163 -7.79 3.40 18.96
C PRO B 163 -7.13 2.36 18.06
N GLN B 164 -6.35 2.81 17.08
CA GLN B 164 -5.67 1.93 16.11
C GLN B 164 -6.63 1.38 15.08
N SER B 165 -7.82 1.92 15.02
CA SER B 165 -8.73 1.60 13.93
C SER B 165 -8.25 2.21 12.60
N SER B 166 -8.88 1.77 11.54
CA SER B 166 -8.46 2.12 10.22
C SER B 166 -9.70 2.32 9.34
N ILE B 167 -9.59 3.27 8.42
CA ILE B 167 -10.67 3.70 7.53
C ILE B 167 -10.12 3.74 6.12
N ILE B 168 -10.87 3.21 5.15
CA ILE B 168 -10.49 3.36 3.75
C ILE B 168 -11.65 3.87 2.89
N SER B 169 -11.32 4.58 1.82
CA SER B 169 -12.28 4.87 0.79
C SER B 169 -11.70 4.47 -0.56
N LEU B 170 -12.50 4.67 -1.60
CA LEU B 170 -12.11 4.35 -2.96
C LEU B 170 -12.13 5.61 -3.84
N THR B 171 -11.08 5.79 -4.62
CA THR B 171 -10.98 6.93 -5.49
C THR B 171 -10.59 6.48 -6.91
N TYR B 172 -10.46 7.44 -7.82
CA TYR B 172 -10.13 7.12 -9.21
C TYR B 172 -9.18 8.22 -9.71
N HIS B 173 -8.22 7.81 -10.55
CA HIS B 173 -7.12 8.64 -11.07
C HIS B 173 -7.56 9.86 -11.88
N ALA B 174 -8.81 9.90 -12.35
CA ALA B 174 -9.37 11.14 -12.96
C ALA B 174 -9.21 12.39 -12.10
N SER B 175 -9.00 12.21 -10.78
CA SER B 175 -8.72 13.35 -9.89
C SER B 175 -7.40 14.04 -10.27
N GLN B 176 -6.43 13.24 -10.74
CA GLN B 176 -5.07 13.70 -10.98
C GLN B 176 -4.74 13.93 -12.46
N LYS B 177 -5.35 13.13 -13.34
CA LYS B 177 -5.12 13.19 -14.79
C LYS B 177 -6.48 13.16 -15.51
N VAL B 178 -6.56 13.76 -16.69
CA VAL B 178 -7.86 14.01 -17.33
C VAL B 178 -8.46 12.75 -17.94
N VAL B 179 -9.67 12.42 -17.50
CA VAL B 179 -10.41 11.32 -18.07
C VAL B 179 -11.72 11.87 -18.63
N PRO B 180 -11.74 12.08 -19.94
CA PRO B 180 -12.93 12.64 -20.61
C PRO B 180 -14.10 11.71 -20.34
N GLY B 181 -15.26 12.24 -20.00
CA GLY B 181 -16.39 11.34 -19.68
C GLY B 181 -16.58 11.05 -18.19
N TYR B 182 -15.54 11.21 -17.38
CA TYR B 182 -15.75 11.06 -15.94
C TYR B 182 -16.32 12.40 -15.45
N GLY B 183 -17.62 12.59 -15.66
CA GLY B 183 -18.18 13.95 -15.61
C GLY B 183 -18.95 14.30 -14.35
N GLY B 184 -19.70 15.40 -14.40
CA GLY B 184 -20.57 15.81 -13.29
C GLY B 184 -19.89 16.31 -12.02
N GLY B 185 -18.59 16.54 -12.08
CA GLY B 185 -17.87 16.90 -10.86
C GLY B 185 -17.34 15.70 -10.10
N MET B 186 -17.46 14.50 -10.66
CA MET B 186 -16.84 13.32 -10.04
C MET B 186 -15.31 13.43 -9.99
N SER B 187 -14.69 13.97 -11.03
CA SER B 187 -13.25 14.18 -10.99
C SER B 187 -12.90 15.14 -9.82
N SER B 188 -13.71 16.18 -9.70
CA SER B 188 -13.53 17.21 -8.66
C SER B 188 -13.71 16.55 -7.31
N ALA B 189 -14.75 15.73 -7.21
CA ALA B 189 -15.05 15.03 -5.98
C ALA B 189 -13.95 14.06 -5.52
N LYS B 190 -13.33 13.33 -6.46
CA LYS B 190 -12.26 12.42 -6.10
C LYS B 190 -11.02 13.22 -5.69
N ALA B 191 -10.79 14.38 -6.35
CA ALA B 191 -9.67 15.26 -6.00
C ALA B 191 -9.85 15.77 -4.55
N ALA B 192 -11.08 16.16 -4.20
CA ALA B 192 -11.38 16.63 -2.85
C ALA B 192 -11.19 15.51 -1.82
N LEU B 193 -11.71 14.32 -2.15
CA LEU B 193 -11.60 13.15 -1.32
C LEU B 193 -10.14 12.74 -1.03
N GLU B 194 -9.29 12.78 -2.07
CA GLU B 194 -7.89 12.47 -1.89
C GLU B 194 -7.20 13.50 -0.97
N SER B 195 -7.54 14.78 -1.15
CA SER B 195 -7.01 15.83 -0.31
C SER B 195 -7.57 15.72 1.12
N ASP B 196 -8.87 15.46 1.24
CA ASP B 196 -9.49 15.30 2.56
C ASP B 196 -8.92 14.12 3.34
N THR B 197 -8.49 13.10 2.62
CA THR B 197 -7.88 11.93 3.25
C THR B 197 -6.59 12.32 4.00
N ARG B 198 -5.82 13.24 3.46
CA ARG B 198 -4.66 13.80 4.17
C ARG B 198 -5.01 14.60 5.42
N VAL B 199 -5.94 15.54 5.29
CA VAL B 199 -6.33 16.42 6.42
C VAL B 199 -6.93 15.56 7.53
N LEU B 200 -7.80 14.62 7.16
CA LEU B 200 -8.38 13.67 8.12
C LEU B 200 -7.31 12.79 8.76
N ALA B 201 -6.33 12.31 7.97
CA ALA B 201 -5.26 11.48 8.52
C ALA B 201 -4.55 12.20 9.65
N TYR B 202 -4.34 13.49 9.45
CA TYR B 202 -3.66 14.29 10.46
C TYR B 202 -4.46 14.40 11.77
N HIS B 203 -5.72 14.85 11.68
CA HIS B 203 -6.61 14.97 12.84
CA HIS B 203 -6.68 14.99 12.81
C HIS B 203 -6.97 13.64 13.48
N LEU B 204 -7.37 12.63 12.69
CA LEU B 204 -7.68 11.33 13.27
C LEU B 204 -6.44 10.66 13.90
N GLY B 205 -5.28 10.90 13.30
CA GLY B 205 -4.05 10.30 13.75
C GLY B 205 -3.66 10.85 15.10
N ARG B 206 -3.61 12.17 15.21
CA ARG B 206 -3.18 12.85 16.42
C ARG B 206 -4.23 12.72 17.53
N ASN B 207 -5.50 12.90 17.19
CA ASN B 207 -6.58 12.91 18.18
C ASN B 207 -7.24 11.57 18.51
N TYR B 208 -6.95 10.52 17.75
CA TYR B 208 -7.58 9.23 18.03
C TYR B 208 -6.70 8.06 17.76
N ASN B 209 -5.49 8.30 17.25
CA ASN B 209 -4.65 7.22 16.81
C ASN B 209 -5.40 6.30 15.79
N ILE B 210 -6.15 6.93 14.89
CA ILE B 210 -6.87 6.23 13.84
C ILE B 210 -6.28 6.56 12.46
N ARG B 211 -6.13 5.55 11.62
CA ARG B 211 -5.57 5.76 10.28
C ARG B 211 -6.65 5.89 9.21
N ILE B 212 -6.33 6.65 8.16
CA ILE B 212 -7.23 6.72 7.01
C ILE B 212 -6.40 6.83 5.73
N ASN B 213 -6.80 6.01 4.73
CA ASN B 213 -6.17 5.99 3.42
C ASN B 213 -7.26 5.87 2.36
N THR B 214 -6.86 6.03 1.11
CA THR B 214 -7.80 5.78 0.01
C THR B 214 -7.13 4.95 -1.06
N ILE B 215 -7.94 4.11 -1.69
CA ILE B 215 -7.45 3.24 -2.73
C ILE B 215 -7.90 3.79 -4.07
N SER B 216 -6.94 4.10 -4.93
CA SER B 216 -7.27 4.53 -6.29
C SER B 216 -7.34 3.27 -7.13
N ALA B 217 -8.56 2.84 -7.42
CA ALA B 217 -8.78 1.55 -8.08
C ALA B 217 -8.80 1.72 -9.59
N GLY B 218 -8.40 0.66 -10.32
CA GLY B 218 -8.62 0.58 -11.76
C GLY B 218 -10.08 0.27 -12.10
N PRO B 219 -10.39 0.14 -13.43
CA PRO B 219 -11.78 0.03 -13.86
C PRO B 219 -12.42 -1.35 -13.57
N LEU B 220 -13.67 -1.33 -13.12
CA LEU B 220 -14.42 -2.55 -12.81
C LEU B 220 -15.85 -2.30 -13.27
N LYS B 221 -16.43 -3.28 -13.98
CA LYS B 221 -17.78 -3.13 -14.50
C LYS B 221 -18.84 -3.34 -13.41
N SER B 222 -18.99 -2.34 -12.56
CA SER B 222 -19.94 -2.36 -11.48
C SER B 222 -21.24 -1.78 -12.03
N ARG B 223 -22.33 -1.89 -11.27
CA ARG B 223 -23.56 -1.23 -11.71
C ARG B 223 -23.36 0.28 -11.88
N ALA B 224 -22.69 0.94 -10.93
CA ALA B 224 -22.43 2.40 -11.02
C ALA B 224 -21.61 2.79 -12.26
N ALA B 225 -20.58 2.00 -12.57
CA ALA B 225 -19.73 2.24 -13.72
C ALA B 225 -20.52 2.31 -15.05
N THR B 226 -21.51 1.41 -15.16
CA THR B 226 -22.40 1.32 -16.33
C THR B 226 -23.24 2.57 -16.49
N ALA B 227 -23.72 3.12 -15.37
CA ALA B 227 -24.48 4.38 -15.38
C ALA B 227 -23.73 5.62 -15.89
N ILE B 228 -22.40 5.53 -16.05
CA ILE B 228 -21.59 6.68 -16.46
C ILE B 228 -21.82 7.03 -17.92
N ASN B 229 -22.04 6.03 -18.76
CA ASN B 229 -22.19 6.25 -20.18
C ASN B 229 -23.43 7.10 -20.49
N LYS B 230 -23.36 7.87 -21.57
CA LYS B 230 -24.51 8.66 -22.06
C LYS B 230 -25.04 8.06 -23.36
N LEU B 231 -26.14 8.64 -23.86
CA LEU B 231 -26.66 8.40 -25.22
C LEU B 231 -27.45 7.09 -25.34
N THR B 272 -19.16 1.68 -24.40
CA THR B 272 -19.47 2.51 -23.25
C THR B 272 -18.21 2.99 -22.51
N PHE B 273 -18.33 4.06 -21.73
CA PHE B 273 -17.22 4.54 -20.91
C PHE B 273 -16.44 3.41 -20.21
N ILE B 274 -17.12 2.56 -19.44
CA ILE B 274 -16.40 1.53 -18.67
C ILE B 274 -15.77 0.45 -19.55
N ASP B 275 -16.44 0.12 -20.65
CA ASP B 275 -15.92 -0.85 -21.61
C ASP B 275 -14.58 -0.34 -22.14
N TYR B 276 -14.57 0.92 -22.59
CA TYR B 276 -13.34 1.54 -23.08
C TYR B 276 -12.22 1.46 -22.02
N ALA B 277 -12.54 1.87 -20.80
CA ALA B 277 -11.56 1.94 -19.70
C ALA B 277 -10.95 0.57 -19.44
N ILE B 278 -11.81 -0.46 -19.39
CA ILE B 278 -11.37 -1.82 -19.11
C ILE B 278 -10.48 -2.35 -20.24
N GLU B 279 -10.94 -2.18 -21.47
CA GLU B 279 -10.21 -2.60 -22.64
C GLU B 279 -8.83 -1.93 -22.67
N TYR B 280 -8.83 -0.62 -22.44
CA TYR B 280 -7.61 0.16 -22.44
C TYR B 280 -6.65 -0.30 -21.34
N SER B 281 -7.18 -0.53 -20.14
CA SER B 281 -6.38 -1.02 -19.01
C SER B 281 -5.73 -2.38 -19.29
N GLU B 282 -6.50 -3.31 -19.81
CA GLU B 282 -6.00 -4.67 -20.10
C GLU B 282 -5.03 -4.70 -21.25
N LYS B 283 -5.14 -3.75 -22.17
CA LYS B 283 -4.18 -3.65 -23.25
C LYS B 283 -2.87 -2.92 -22.85
N TYR B 284 -2.95 -1.91 -22.00
CA TYR B 284 -1.79 -1.04 -21.75
C TYR B 284 -1.16 -1.08 -20.36
N ALA B 285 -1.87 -1.62 -19.37
CA ALA B 285 -1.30 -1.72 -18.03
C ALA B 285 -0.04 -2.59 -18.03
N PRO B 286 0.94 -2.26 -17.16
CA PRO B 286 2.09 -3.14 -16.95
C PRO B 286 1.68 -4.60 -16.69
N LEU B 287 0.58 -4.80 -15.96
CA LEU B 287 0.05 -6.14 -15.71
C LEU B 287 -1.22 -6.37 -16.53
N ARG B 288 -1.21 -7.32 -17.43
CA ARG B 288 -2.36 -7.52 -18.31
C ARG B 288 -3.55 -8.35 -17.79
N GLN B 289 -3.39 -9.04 -16.67
CA GLN B 289 -4.51 -9.74 -16.02
C GLN B 289 -5.79 -8.89 -15.89
N LYS B 290 -6.93 -9.56 -15.83
CA LYS B 290 -8.19 -8.87 -15.62
C LYS B 290 -8.20 -8.35 -14.19
N LEU B 291 -8.55 -7.08 -14.01
CA LEU B 291 -8.61 -6.52 -12.64
C LEU B 291 -9.88 -6.98 -11.92
N LEU B 292 -9.71 -7.68 -10.79
CA LEU B 292 -10.82 -8.22 -10.01
C LEU B 292 -11.19 -7.38 -8.80
N SER B 293 -12.46 -7.42 -8.43
CA SER B 293 -12.94 -6.72 -7.23
CA SER B 293 -12.94 -6.75 -7.23
C SER B 293 -12.19 -7.19 -5.98
N THR B 294 -11.87 -8.47 -5.89
CA THR B 294 -11.14 -9.00 -4.75
C THR B 294 -9.65 -8.59 -4.79
N ASP B 295 -9.16 -8.11 -5.93
CA ASP B 295 -7.80 -7.53 -6.01
C ASP B 295 -7.73 -6.26 -5.13
N ILE B 296 -8.82 -5.50 -5.14
CA ILE B 296 -8.93 -4.31 -4.34
C ILE B 296 -9.21 -4.74 -2.93
N GLY B 297 -10.07 -5.73 -2.79
CA GLY B 297 -10.42 -6.27 -1.49
C GLY B 297 -9.23 -6.72 -0.66
N SER B 298 -8.27 -7.38 -1.28
CA SER B 298 -7.13 -7.83 -0.51
C SER B 298 -6.23 -6.67 -0.07
N VAL B 299 -6.15 -5.60 -0.88
CA VAL B 299 -5.43 -4.40 -0.46
C VAL B 299 -6.18 -3.65 0.66
N ALA B 300 -7.50 -3.57 0.52
CA ALA B 300 -8.35 -2.94 1.54
C ALA B 300 -8.17 -3.65 2.85
N SER B 301 -8.13 -4.97 2.80
CA SER B 301 -7.97 -5.81 3.96
C SER B 301 -6.63 -5.58 4.67
N PHE B 302 -5.55 -5.51 3.90
CA PHE B 302 -4.24 -5.11 4.44
C PHE B 302 -4.26 -3.73 5.13
N LEU B 303 -4.87 -2.75 4.44
CA LEU B 303 -4.88 -1.37 4.92
C LEU B 303 -5.72 -1.21 6.19
N LEU B 304 -6.74 -2.08 6.31
CA LEU B 304 -7.61 -2.06 7.47
C LEU B 304 -7.01 -2.82 8.64
N SER B 305 -6.02 -3.66 8.37
CA SER B 305 -5.37 -4.45 9.43
C SER B 305 -4.16 -3.72 10.02
N ARG B 306 -3.69 -4.26 11.13
CA ARG B 306 -2.56 -3.72 11.84
C ARG B 306 -1.26 -3.82 11.07
N GLU B 307 -1.21 -4.63 10.04
CA GLU B 307 -0.01 -4.75 9.22
C GLU B 307 0.39 -3.43 8.53
N SER B 308 -0.58 -2.53 8.35
CA SER B 308 -0.36 -1.22 7.69
C SER B 308 -0.29 -0.06 8.70
N ARG B 309 -0.02 -0.44 9.94
CA ARG B 309 0.09 0.47 11.07
CA ARG B 309 0.32 0.39 11.11
C ARG B 309 0.86 1.79 10.84
N ALA B 310 1.89 1.82 9.99
CA ALA B 310 2.62 3.10 9.75
C ALA B 310 2.23 3.87 8.47
N ILE B 311 1.12 3.46 7.86
CA ILE B 311 0.60 4.06 6.61
C ILE B 311 -0.68 4.84 6.88
N THR B 312 -0.69 6.14 6.61
CA THR B 312 -1.92 6.90 6.75
C THR B 312 -1.82 8.12 5.84
N GLY B 313 -3.00 8.62 5.44
CA GLY B 313 -3.07 9.80 4.60
C GLY B 313 -2.76 9.54 3.14
N GLN B 314 -2.66 8.27 2.72
CA GLN B 314 -2.14 7.95 1.40
C GLN B 314 -3.21 7.58 0.39
N THR B 315 -2.94 7.90 -0.88
CA THR B 315 -3.64 7.32 -2.03
C THR B 315 -2.81 6.14 -2.56
N ILE B 316 -3.35 4.93 -2.42
CA ILE B 316 -2.67 3.72 -2.87
C ILE B 316 -3.33 3.23 -4.17
N TYR B 317 -2.55 3.16 -5.23
CA TYR B 317 -3.04 2.72 -6.54
C TYR B 317 -3.09 1.20 -6.64
N VAL B 318 -4.26 0.65 -6.95
CA VAL B 318 -4.44 -0.79 -7.12
C VAL B 318 -5.12 -0.89 -8.49
N ASP B 319 -4.32 -0.92 -9.56
CA ASP B 319 -4.83 -0.64 -10.92
C ASP B 319 -3.94 -1.30 -11.96
N ASN B 320 -3.28 -2.40 -11.56
CA ASN B 320 -2.33 -3.12 -12.40
C ASN B 320 -1.17 -2.25 -12.93
N GLY B 321 -0.89 -1.14 -12.24
CA GLY B 321 0.16 -0.18 -12.65
C GLY B 321 -0.16 0.80 -13.78
N LEU B 322 -1.40 0.82 -14.27
CA LEU B 322 -1.78 1.72 -15.38
C LEU B 322 -1.40 3.17 -15.15
N ASN B 323 -1.63 3.68 -13.92
CA ASN B 323 -1.31 5.08 -13.58
C ASN B 323 0.10 5.56 -13.93
N ILE B 324 1.06 4.63 -14.04
CA ILE B 324 2.45 4.98 -14.19
C ILE B 324 2.82 5.30 -15.63
N MET B 325 1.94 4.94 -16.56
CA MET B 325 2.20 5.07 -18.00
C MET B 325 1.95 6.49 -18.51
N PHE B 326 2.80 6.94 -19.42
CA PHE B 326 2.57 8.17 -20.14
C PHE B 326 2.08 7.82 -21.54
N LEU B 327 2.98 7.28 -22.34
CA LEU B 327 2.75 7.01 -23.74
C LEU B 327 2.45 5.51 -23.85
N PRO B 328 1.30 5.16 -24.48
CA PRO B 328 0.89 3.79 -24.85
C PRO B 328 1.77 3.18 -25.96
N ASP B 329 1.44 1.97 -26.37
CA ASP B 329 2.17 1.25 -27.42
C ASP B 329 1.36 1.08 -28.71
PA NAD C . 21.60 -0.25 7.07
O1A NAD C . 23.05 0.15 7.23
O2A NAD C . 20.93 -1.18 8.04
O5B NAD C . 21.39 -0.86 5.59
C5B NAD C . 22.28 -0.53 4.53
C4B NAD C . 23.11 -1.76 4.18
O4B NAD C . 23.60 -1.68 2.83
C3B NAD C . 24.32 -1.92 5.09
O3B NAD C . 24.20 -3.13 5.84
C2B NAD C . 25.51 -2.03 4.15
O2B NAD C . 26.39 -3.08 4.55
C1B NAD C . 24.86 -2.34 2.81
N9A NAD C . 25.72 -1.89 1.68
C8A NAD C . 26.38 -0.73 1.56
N7A NAD C . 27.05 -0.72 0.38
C5A NAD C . 26.80 -1.89 -0.23
C6A NAD C . 27.20 -2.52 -1.52
N6A NAD C . 28.02 -1.87 -2.39
N1A NAD C . 26.75 -3.75 -1.80
C2A NAD C . 25.94 -4.39 -0.94
N3A NAD C . 25.56 -3.85 0.22
C4A NAD C . 25.96 -2.63 0.60
O3 NAD C . 20.75 1.12 7.01
PN NAD C . 19.22 1.13 6.50
O1N NAD C . 18.64 2.50 6.83
O2N NAD C . 18.54 -0.11 7.01
O5D NAD C . 19.37 1.03 4.90
C5D NAD C . 18.49 0.17 4.17
C4D NAD C . 17.75 0.95 3.10
O4D NAD C . 16.65 1.67 3.65
C3D NAD C . 18.66 1.97 2.41
O3D NAD C . 18.54 1.83 0.99
C2D NAD C . 18.09 3.32 2.83
O2D NAD C . 18.24 4.30 1.79
C1D NAD C . 16.64 3.00 3.11
N1N NAD C . 16.04 3.98 4.01
C2N NAD C . 16.45 4.08 5.29
C3N NAD C . 15.88 5.02 6.15
C7N NAD C . 16.36 5.12 7.58
O7N NAD C . 16.00 6.08 8.25
N7N NAD C . 17.15 4.17 8.06
C4N NAD C . 14.78 5.95 5.70
C5N NAD C . 14.44 5.73 4.30
C6N NAD C . 15.08 4.76 3.53
C1 FB4 D . 19.23 6.14 5.01
C2 FB4 D . 18.35 6.85 4.20
C3 FB4 D . 17.51 7.80 4.75
C4 FB4 D . 17.58 8.02 6.13
C5 FB4 D . 18.46 7.31 6.95
C6 FB4 D . 19.30 6.36 6.39
O7 FB4 D . 20.05 5.21 4.45
C8 FB4 D . 21.24 5.59 3.88
C9 FB4 D . 22.10 4.58 3.48
C10 FB4 D . 23.31 4.95 2.93
C11 FB4 D . 23.64 6.30 2.80
C12 FB4 D . 22.77 7.32 3.19
C13 FB4 D . 21.56 6.96 3.76
CL14 FB4 D . 16.47 9.25 6.82
CL15 FB4 D . 25.22 6.72 2.06
N16 FB4 D . 21.77 3.26 3.64
O17 FB4 D . 18.33 6.65 2.86
PA NAD E . -21.12 0.14 -6.88
O1A NAD E . -22.50 0.49 -7.39
O2A NAD E . -20.71 -1.29 -6.64
O5B NAD E . -20.90 0.96 -5.51
C5B NAD E . -21.68 2.12 -5.23
C4B NAD E . -22.70 1.80 -4.14
O4B NAD E . -22.87 2.92 -3.27
C3B NAD E . -24.08 1.47 -4.70
O3B NAD E . -24.47 0.15 -4.31
C2B NAD E . -25.03 2.48 -4.09
O2B NAD E . -26.22 1.85 -3.63
C1B NAD E . -24.25 3.07 -2.93
N9A NAD E . -24.66 4.48 -2.69
C8A NAD E . -24.77 5.46 -3.61
N7A NAD E . -25.17 6.61 -3.00
C5A NAD E . -25.29 6.32 -1.69
C6A NAD E . -25.68 7.12 -0.49
N6A NAD E . -26.01 8.43 -0.58
N1A NAD E . -25.70 6.50 0.71
C2A NAD E . -25.38 5.20 0.80
N3A NAD E . -25.01 4.47 -0.27
C4A NAD E . -24.97 5.00 -1.50
O3 NAD E . -20.07 0.82 -7.89
PN NAD E . -18.49 0.76 -7.55
O1N NAD E . -17.71 1.00 -8.82
O2N NAD E . -18.26 -0.49 -6.74
O5D NAD E . -18.32 2.03 -6.58
C5D NAD E . -17.68 1.86 -5.32
C4D NAD E . -16.60 2.94 -5.13
O4D NAD E . -15.42 2.58 -5.84
C3D NAD E . -17.06 4.29 -5.65
O3D NAD E . -16.76 5.29 -4.67
C2D NAD E . -16.21 4.53 -6.89
O2D NAD E . -15.92 5.92 -7.06
C1D NAD E . -14.96 3.72 -6.59
N1N NAD E . -14.29 3.35 -7.84
C2N NAD E . -14.86 2.51 -8.71
C3N NAD E . -14.22 2.16 -9.90
C7N NAD E . -14.88 1.22 -10.86
O7N NAD E . -14.32 0.95 -11.91
N7N NAD E . -16.07 0.71 -10.55
C4N NAD E . -12.86 2.72 -10.25
C5N NAD E . -12.36 3.61 -9.22
C6N NAD E . -13.09 3.89 -8.07
C1 FB4 F . -16.86 4.65 -10.57
C2 FB4 F . -15.67 5.37 -10.52
C3 FB4 F . -14.71 5.17 -11.50
C4 FB4 F . -14.95 4.24 -12.52
C5 FB4 F . -16.15 3.52 -12.58
C6 FB4 F . -17.11 3.72 -11.60
O7 FB4 F . -17.79 4.85 -9.59
C8 FB4 F . -18.76 5.78 -9.72
C9 FB4 F . -19.83 5.76 -8.79
C10 FB4 F . -20.83 6.71 -8.90
C11 FB4 F . -20.74 7.64 -9.95
C12 FB4 F . -19.68 7.68 -10.86
C13 FB4 F . -18.70 6.72 -10.74
CL14 FB4 F . -13.69 4.00 -13.79
CL15 FB4 F . -22.04 8.85 -10.12
N16 FB4 F . -19.87 4.83 -7.79
O17 FB4 F . -15.48 6.27 -9.50
#